data_2HB8
#
_entry.id   2HB8
#
_cell.length_a   44.990
_cell.length_b   51.560
_cell.length_c   132.210
_cell.angle_alpha   90.00
_cell.angle_beta   90.00
_cell.angle_gamma   90.00
#
_symmetry.space_group_name_H-M   'P 21 21 21'
#
loop_
_entity.id
_entity.type
_entity.pdbx_description
1 polymer 'Vitamin D3 receptor'
2 non-polymer '2ALPHA-METHYL-1ALPHA,25-DIHYDROXY-VITAMIN D3'
3 water water
#
_entity_poly.entity_id   1
_entity_poly.type   'polypeptide(L)'
_entity_poly.pdbx_seq_one_letter_code
;GSHMDSLRPKLSEEQQRIIAILLDAHHKTYDPTYSDFCQFRPPVRVNDGGGSVTLELSQLSMLPHLADLVSYSIQKVIGF
AKMIPGFRDLTSEDQIVLLKSSAIEVIMLRSNESFTMDDMSWTCGNQDYKYRVSDVTKAGHSLELIEPLIKFQVGLKKLN
LHEEEHVLLMAICIVSPDRPGVQDAALIEAIQDRLSNTLQTYIRCRHPPPGSHLLYAKMIQKLADLRSLNEEHSKQYRCL
SFQPECSMKLTPLVLEVFGNEIS
;
_entity_poly.pdbx_strand_id   A
#
# COMPACT_ATOMS: atom_id res chain seq x y z
N SER A 6 -9.21 28.52 9.84
CA SER A 6 -8.65 29.80 10.34
C SER A 6 -7.45 29.57 11.27
N LEU A 7 -7.71 29.02 12.45
CA LEU A 7 -6.65 28.77 13.42
C LEU A 7 -5.62 27.77 12.89
N ARG A 8 -4.35 28.06 13.19
CA ARG A 8 -3.26 27.21 12.76
C ARG A 8 -2.36 26.86 13.93
N PRO A 9 -2.83 25.98 14.82
CA PRO A 9 -2.01 25.60 15.98
C PRO A 9 -0.70 24.98 15.52
N LYS A 10 0.36 25.20 16.29
CA LYS A 10 1.67 24.67 15.96
C LYS A 10 1.69 23.19 16.34
N LEU A 11 2.61 22.45 15.72
CA LEU A 11 2.76 21.04 16.01
C LEU A 11 3.30 20.92 17.43
N SER A 12 2.69 20.08 18.25
CA SER A 12 3.15 19.88 19.61
C SER A 12 4.48 19.13 19.56
N GLU A 13 5.14 19.03 20.72
CA GLU A 13 6.40 18.33 20.79
C GLU A 13 6.18 16.86 20.44
N GLU A 14 5.09 16.29 20.95
CA GLU A 14 4.76 14.89 20.69
C GLU A 14 4.49 14.67 19.21
N GLN A 15 3.72 15.57 18.60
CA GLN A 15 3.39 15.45 17.19
C GLN A 15 4.66 15.52 16.32
N GLN A 16 5.60 16.37 16.71
CA GLN A 16 6.86 16.48 15.97
C GLN A 16 7.61 15.15 16.08
N ARG A 17 7.56 14.54 17.26
CA ARG A 17 8.22 13.27 17.50
C ARG A 17 7.58 12.17 16.68
N ILE A 18 6.25 12.17 16.61
CA ILE A 18 5.51 11.18 15.83
C ILE A 18 5.93 11.20 14.36
N ILE A 19 5.99 12.40 13.79
CA ILE A 19 6.39 12.56 12.40
C ILE A 19 7.83 12.08 12.16
N ALA A 20 8.73 12.45 13.07
CA ALA A 20 10.13 12.05 12.97
C ALA A 20 10.26 10.53 12.98
N ILE A 21 9.53 9.90 13.89
CA ILE A 21 9.52 8.45 14.03
C ILE A 21 8.99 7.77 12.76
N LEU A 22 7.91 8.32 12.20
CA LEU A 22 7.32 7.74 11.00
C LEU A 22 8.22 7.93 9.78
N LEU A 23 8.86 9.09 9.67
CA LEU A 23 9.76 9.34 8.54
C LEU A 23 10.92 8.33 8.63
N ASP A 24 11.47 8.18 9.83
CA ASP A 24 12.58 7.25 10.06
C ASP A 24 12.13 5.80 9.76
N ALA A 25 10.95 5.44 10.25
CA ALA A 25 10.43 4.10 10.03
C ALA A 25 10.33 3.81 8.54
N HIS A 26 9.84 4.79 7.78
CA HIS A 26 9.71 4.61 6.34
C HIS A 26 11.06 4.49 5.65
N HIS A 27 12.01 5.34 6.03
CA HIS A 27 13.35 5.30 5.41
C HIS A 27 14.07 3.98 5.66
N LYS A 28 13.72 3.31 6.76
CA LYS A 28 14.33 2.03 7.10
C LYS A 28 13.63 0.83 6.47
N THR A 29 12.40 1.03 5.99
CA THR A 29 11.63 -0.06 5.41
C THR A 29 11.27 0.11 3.93
N TYR A 30 11.71 1.19 3.33
CA TYR A 30 11.44 1.43 1.91
C TYR A 30 12.74 1.84 1.21
N ASP A 31 13.30 0.90 0.46
CA ASP A 31 14.55 1.12 -0.28
C ASP A 31 14.23 1.78 -1.63
N PRO A 32 14.55 3.09 -1.75
CA PRO A 32 14.27 3.82 -2.99
C PRO A 32 15.09 3.40 -4.21
N THR A 33 16.04 2.48 -4.00
CA THR A 33 16.87 1.99 -5.10
C THR A 33 16.39 0.61 -5.57
N TYR A 34 15.50 0.00 -4.80
CA TYR A 34 14.94 -1.31 -5.14
C TYR A 34 16.06 -2.32 -5.41
N SER A 35 17.13 -2.22 -4.62
CA SER A 35 18.29 -3.09 -4.77
C SER A 35 18.11 -4.56 -4.42
N ASP A 36 17.01 -4.91 -3.75
CA ASP A 36 16.76 -6.31 -3.40
C ASP A 36 16.00 -7.09 -4.46
N PHE A 37 15.42 -6.37 -5.42
CA PHE A 37 14.61 -6.99 -6.46
C PHE A 37 15.24 -8.15 -7.23
N CYS A 38 16.56 -8.11 -7.40
CA CYS A 38 17.24 -9.18 -8.12
C CYS A 38 17.17 -10.49 -7.36
N GLN A 39 16.75 -10.43 -6.09
CA GLN A 39 16.64 -11.63 -5.29
C GLN A 39 15.29 -12.33 -5.46
N PHE A 40 14.34 -11.66 -6.10
CA PHE A 40 13.01 -12.26 -6.32
C PHE A 40 13.08 -13.22 -7.50
N ARG A 41 12.12 -14.14 -7.58
CA ARG A 41 12.09 -15.03 -8.72
C ARG A 41 11.99 -14.06 -9.90
N PRO A 42 12.68 -14.34 -11.01
CA PRO A 42 12.68 -13.47 -12.19
C PRO A 42 11.37 -13.21 -12.89
N PRO A 43 11.19 -11.98 -13.39
CA PRO A 43 9.97 -11.63 -14.10
C PRO A 43 10.01 -12.30 -15.47
N VAL A 44 8.87 -12.81 -15.92
CA VAL A 44 8.78 -13.46 -17.23
C VAL A 44 7.54 -12.89 -17.89
N ARG A 45 7.72 -12.39 -19.11
CA ARG A 45 6.61 -11.79 -19.85
C ARG A 45 6.31 -12.51 -21.16
N VAL A 46 5.31 -13.40 -21.12
CA VAL A 46 4.92 -14.15 -22.31
C VAL A 46 4.22 -13.23 -23.30
N ASN A 47 4.16 -13.64 -24.57
CA ASN A 47 3.51 -12.83 -25.59
C ASN A 47 2.00 -12.92 -25.40
N ASP A 48 1.40 -11.83 -24.95
CA ASP A 48 -0.04 -11.80 -24.73
C ASP A 48 -0.63 -10.45 -25.15
N GLY A 49 -0.29 -10.04 -26.37
CA GLY A 49 -0.79 -8.77 -26.87
C GLY A 49 -2.31 -8.72 -26.86
N GLY A 50 -2.94 -9.88 -27.00
CA GLY A 50 -4.39 -9.95 -27.00
C GLY A 50 -5.05 -9.94 -25.64
N GLY A 51 -4.25 -10.02 -24.58
CA GLY A 51 -4.82 -10.03 -23.24
C GLY A 51 -5.74 -11.22 -23.01
N SER A 52 -5.30 -12.40 -23.45
CA SER A 52 -6.07 -13.62 -23.30
C SER A 52 -6.08 -14.10 -21.85
N VAL A 53 -7.26 -14.21 -21.26
CA VAL A 53 -7.39 -14.68 -19.89
C VAL A 53 -6.95 -16.14 -19.80
N THR A 54 -7.34 -16.93 -20.79
CA THR A 54 -6.97 -18.34 -20.84
C THR A 54 -5.46 -18.48 -20.80
N LEU A 55 -4.77 -17.75 -21.67
CA LEU A 55 -3.30 -17.80 -21.71
C LEU A 55 -2.69 -17.26 -20.42
N GLU A 56 -3.18 -16.12 -19.96
CA GLU A 56 -2.66 -15.53 -18.73
C GLU A 56 -2.74 -16.51 -17.56
N LEU A 57 -3.85 -17.22 -17.44
CA LEU A 57 -4.03 -18.19 -16.35
C LEU A 57 -3.21 -19.48 -16.56
N SER A 58 -3.04 -19.90 -17.81
CA SER A 58 -2.26 -21.13 -18.04
C SER A 58 -0.79 -20.91 -17.73
N GLN A 59 -0.32 -19.68 -17.92
CA GLN A 59 1.09 -19.36 -17.67
C GLN A 59 1.40 -18.62 -16.37
N LEU A 60 0.60 -17.60 -16.05
CA LEU A 60 0.83 -16.81 -14.84
C LEU A 60 2.33 -16.50 -14.78
N SER A 61 2.87 -16.09 -15.92
CA SER A 61 4.29 -15.79 -16.07
C SER A 61 4.89 -14.75 -15.14
N MET A 62 4.11 -13.72 -14.79
CA MET A 62 4.61 -12.67 -13.90
C MET A 62 4.23 -12.88 -12.43
N LEU A 63 3.47 -13.92 -12.14
CA LEU A 63 3.02 -14.15 -10.77
C LEU A 63 4.13 -14.46 -9.77
N PRO A 64 5.09 -15.34 -10.13
CA PRO A 64 6.14 -15.61 -9.13
C PRO A 64 6.88 -14.35 -8.72
N HIS A 65 7.22 -13.51 -9.70
CA HIS A 65 7.94 -12.27 -9.44
C HIS A 65 7.11 -11.26 -8.63
N LEU A 66 5.87 -11.02 -9.07
CA LEU A 66 5.02 -10.06 -8.37
C LEU A 66 4.62 -10.58 -6.99
N ALA A 67 4.47 -11.90 -6.87
CA ALA A 67 4.11 -12.51 -5.59
C ALA A 67 5.26 -12.27 -4.61
N ASP A 68 6.50 -12.41 -5.09
CA ASP A 68 7.68 -12.19 -4.26
C ASP A 68 7.79 -10.70 -3.91
N LEU A 69 7.52 -9.84 -4.88
CA LEU A 69 7.58 -8.40 -4.65
C LEU A 69 6.59 -7.98 -3.57
N VAL A 70 5.38 -8.52 -3.64
CA VAL A 70 4.34 -8.22 -2.67
C VAL A 70 4.63 -8.85 -1.30
N SER A 71 5.15 -10.06 -1.31
CA SER A 71 5.48 -10.75 -0.07
C SER A 71 6.57 -9.94 0.64
N TYR A 72 7.59 -9.55 -0.12
CA TYR A 72 8.70 -8.74 0.38
C TYR A 72 8.15 -7.44 0.97
N SER A 73 7.20 -6.85 0.26
CA SER A 73 6.59 -5.59 0.69
C SER A 73 5.76 -5.75 1.96
N ILE A 74 5.06 -6.87 2.08
CA ILE A 74 4.26 -7.11 3.29
C ILE A 74 5.19 -7.19 4.49
N GLN A 75 6.37 -7.76 4.31
CA GLN A 75 7.34 -7.85 5.39
C GLN A 75 7.80 -6.45 5.80
N LYS A 76 8.00 -5.59 4.81
CA LYS A 76 8.44 -4.21 5.09
C LYS A 76 7.33 -3.44 5.81
N VAL A 77 6.09 -3.66 5.38
CA VAL A 77 4.92 -3.01 5.98
C VAL A 77 4.77 -3.45 7.44
N ILE A 78 5.06 -4.72 7.74
CA ILE A 78 4.97 -5.21 9.10
C ILE A 78 6.01 -4.45 9.94
N GLY A 79 7.21 -4.30 9.37
CA GLY A 79 8.26 -3.59 10.07
C GLY A 79 7.89 -2.13 10.30
N PHE A 80 7.25 -1.50 9.31
CA PHE A 80 6.84 -0.11 9.42
C PHE A 80 5.79 0.06 10.52
N ALA A 81 4.79 -0.81 10.48
CA ALA A 81 3.69 -0.77 11.46
C ALA A 81 4.18 -0.90 12.90
N LYS A 82 5.15 -1.78 13.13
CA LYS A 82 5.66 -1.97 14.48
C LYS A 82 6.31 -0.71 15.04
N MET A 83 6.70 0.22 14.16
CA MET A 83 7.32 1.47 14.58
C MET A 83 6.32 2.61 14.72
N ILE A 84 5.08 2.38 14.33
CA ILE A 84 4.05 3.41 14.47
C ILE A 84 3.80 3.62 15.97
N PRO A 85 3.96 4.86 16.45
CA PRO A 85 3.74 5.14 17.87
C PRO A 85 2.38 4.63 18.36
N GLY A 86 2.40 3.74 19.34
CA GLY A 86 1.16 3.22 19.88
C GLY A 86 0.76 1.84 19.39
N PHE A 87 1.24 1.46 18.20
CA PHE A 87 0.90 0.16 17.64
C PHE A 87 1.23 -1.00 18.59
N ARG A 88 2.40 -0.95 19.21
CA ARG A 88 2.79 -2.02 20.14
C ARG A 88 1.94 -2.05 21.41
N ASP A 89 1.15 -1.00 21.63
CA ASP A 89 0.29 -0.95 22.81
C ASP A 89 -0.91 -1.87 22.61
N LEU A 90 -1.17 -2.22 21.35
CA LEU A 90 -2.26 -3.10 21.01
C LEU A 90 -1.89 -4.55 21.27
N THR A 91 -2.89 -5.40 21.40
CA THR A 91 -2.66 -6.83 21.62
C THR A 91 -2.12 -7.40 20.32
N SER A 92 -1.33 -8.47 20.40
CA SER A 92 -0.77 -9.07 19.19
C SER A 92 -1.91 -9.48 18.27
N GLU A 93 -3.01 -9.91 18.85
CA GLU A 93 -4.18 -10.34 18.07
C GLU A 93 -4.72 -9.18 17.24
N ASP A 94 -4.85 -8.00 17.84
CA ASP A 94 -5.34 -6.84 17.12
C ASP A 94 -4.29 -6.36 16.12
N GLN A 95 -3.02 -6.51 16.49
CA GLN A 95 -1.92 -6.12 15.61
C GLN A 95 -1.98 -6.91 14.31
N ILE A 96 -2.19 -8.22 14.43
CA ILE A 96 -2.25 -9.09 13.26
C ILE A 96 -3.51 -8.84 12.42
N VAL A 97 -4.62 -8.54 13.09
CA VAL A 97 -5.86 -8.25 12.36
C VAL A 97 -5.66 -7.01 11.49
N LEU A 98 -5.08 -5.97 12.06
CA LEU A 98 -4.85 -4.72 11.34
C LEU A 98 -3.89 -4.92 10.17
N LEU A 99 -2.81 -5.65 10.42
CA LEU A 99 -1.81 -5.92 9.39
C LEU A 99 -2.41 -6.68 8.20
N LYS A 100 -3.07 -7.80 8.48
CA LYS A 100 -3.65 -8.61 7.41
C LYS A 100 -4.71 -7.88 6.59
N SER A 101 -5.53 -7.07 7.24
CA SER A 101 -6.57 -6.36 6.53
C SER A 101 -6.09 -5.12 5.76
N SER A 102 -5.01 -4.50 6.21
CA SER A 102 -4.51 -3.31 5.52
C SER A 102 -3.32 -3.56 4.57
N ALA A 103 -2.66 -4.71 4.73
CA ALA A 103 -1.50 -5.04 3.90
C ALA A 103 -1.57 -4.60 2.44
N ILE A 104 -2.58 -5.07 1.70
CA ILE A 104 -2.70 -4.72 0.30
C ILE A 104 -2.92 -3.23 0.07
N GLU A 105 -3.62 -2.57 0.98
CA GLU A 105 -3.87 -1.14 0.87
C GLU A 105 -2.59 -0.33 1.06
N VAL A 106 -1.78 -0.72 2.05
CA VAL A 106 -0.53 -0.01 2.29
C VAL A 106 0.43 -0.25 1.13
N ILE A 107 0.38 -1.44 0.55
CA ILE A 107 1.23 -1.75 -0.60
C ILE A 107 0.86 -0.80 -1.75
N MET A 108 -0.44 -0.64 -2.00
CA MET A 108 -0.89 0.24 -3.07
C MET A 108 -0.45 1.67 -2.77
N LEU A 109 -0.56 2.09 -1.50
CA LEU A 109 -0.15 3.43 -1.10
C LEU A 109 1.37 3.65 -1.25
N ARG A 110 2.18 2.76 -0.68
CA ARG A 110 3.62 2.93 -0.74
C ARG A 110 4.18 2.78 -2.15
N SER A 111 3.48 2.03 -3.00
CA SER A 111 3.91 1.82 -4.39
C SER A 111 3.85 3.12 -5.19
N ASN A 112 3.12 4.10 -4.66
CA ASN A 112 3.00 5.38 -5.35
C ASN A 112 4.36 6.06 -5.49
N GLU A 113 5.31 5.67 -4.64
CA GLU A 113 6.64 6.26 -4.68
C GLU A 113 7.41 5.79 -5.92
N SER A 114 7.12 4.58 -6.41
CA SER A 114 7.79 4.08 -7.61
C SER A 114 6.97 4.38 -8.86
N PHE A 115 5.68 4.65 -8.69
CA PHE A 115 4.81 4.96 -9.81
C PHE A 115 5.23 6.26 -10.47
N THR A 116 5.12 6.35 -11.79
CA THR A 116 5.48 7.58 -12.49
C THR A 116 4.46 7.89 -13.57
N MET A 117 4.11 9.17 -13.69
CA MET A 117 3.16 9.58 -14.69
C MET A 117 3.82 9.80 -16.06
N ASP A 118 5.13 9.59 -16.13
CA ASP A 118 5.82 9.73 -17.39
C ASP A 118 5.20 8.76 -18.39
N ASP A 119 5.01 7.51 -17.95
CA ASP A 119 4.41 6.49 -18.81
C ASP A 119 3.41 5.61 -18.07
N MET A 120 2.93 6.07 -16.93
CA MET A 120 1.95 5.35 -16.13
C MET A 120 2.41 3.95 -15.72
N SER A 121 3.59 3.86 -15.11
CA SER A 121 4.11 2.58 -14.69
C SER A 121 4.78 2.70 -13.35
N TRP A 122 5.09 1.55 -12.75
CA TRP A 122 5.80 1.51 -11.48
C TRP A 122 7.21 1.17 -11.95
N THR A 123 8.09 2.16 -11.91
CA THR A 123 9.45 1.98 -12.36
C THR A 123 10.40 1.76 -11.19
N CYS A 124 10.89 0.54 -11.07
CA CYS A 124 11.80 0.20 -9.98
C CYS A 124 13.20 -0.15 -10.47
N GLY A 125 13.62 0.53 -11.53
CA GLY A 125 14.94 0.26 -12.07
C GLY A 125 14.91 0.06 -13.57
N ASN A 126 15.80 -0.78 -14.07
CA ASN A 126 15.88 -1.08 -15.49
C ASN A 126 14.56 -1.63 -16.00
N GLN A 127 14.52 -1.94 -17.28
CA GLN A 127 13.33 -2.48 -17.93
C GLN A 127 12.76 -3.71 -17.23
N ASP A 128 13.64 -4.58 -16.73
CA ASP A 128 13.20 -5.80 -16.05
C ASP A 128 12.23 -5.51 -14.90
N TYR A 129 12.49 -4.42 -14.18
CA TYR A 129 11.67 -4.06 -13.03
C TYR A 129 10.76 -2.85 -13.23
N LYS A 130 10.23 -2.73 -14.45
CA LYS A 130 9.29 -1.67 -14.77
C LYS A 130 7.99 -2.44 -14.94
N TYR A 131 6.98 -2.11 -14.14
CA TYR A 131 5.72 -2.83 -14.20
C TYR A 131 4.58 -2.01 -14.81
N ARG A 132 3.94 -2.56 -15.83
CA ARG A 132 2.83 -1.91 -16.52
C ARG A 132 1.54 -2.70 -16.32
N VAL A 133 0.42 -2.14 -16.79
CA VAL A 133 -0.87 -2.80 -16.69
C VAL A 133 -0.79 -4.22 -17.22
N SER A 134 -0.08 -4.38 -18.34
CA SER A 134 0.08 -5.69 -18.98
C SER A 134 0.81 -6.70 -18.11
N ASP A 135 1.72 -6.23 -17.25
CA ASP A 135 2.44 -7.15 -16.38
C ASP A 135 1.52 -7.67 -15.30
N VAL A 136 0.56 -6.84 -14.91
CA VAL A 136 -0.38 -7.23 -13.87
C VAL A 136 -1.42 -8.22 -14.41
N THR A 137 -1.76 -8.10 -15.69
CA THR A 137 -2.71 -9.04 -16.26
C THR A 137 -2.01 -10.39 -16.42
N LYS A 138 -0.69 -10.35 -16.61
CA LYS A 138 0.08 -11.56 -16.75
C LYS A 138 0.24 -12.28 -15.41
N ALA A 139 -0.25 -11.66 -14.33
CA ALA A 139 -0.17 -12.28 -13.02
C ALA A 139 -1.55 -12.81 -12.62
N GLY A 140 -2.47 -12.81 -13.58
CA GLY A 140 -3.80 -13.33 -13.30
C GLY A 140 -4.90 -12.36 -12.91
N HIS A 141 -4.60 -11.07 -12.89
CA HIS A 141 -5.60 -10.05 -12.54
C HIS A 141 -6.22 -9.46 -13.79
N SER A 142 -7.36 -8.79 -13.62
CA SER A 142 -8.06 -8.20 -14.74
C SER A 142 -8.15 -6.69 -14.63
N LEU A 143 -8.57 -6.04 -15.72
CA LEU A 143 -8.70 -4.58 -15.77
C LEU A 143 -9.66 -4.02 -14.72
N GLU A 144 -10.57 -4.85 -14.24
CA GLU A 144 -11.53 -4.42 -13.23
C GLU A 144 -10.79 -3.95 -11.98
N LEU A 145 -9.57 -4.44 -11.80
CA LEU A 145 -8.76 -4.02 -10.66
C LEU A 145 -7.66 -3.05 -11.10
N ILE A 146 -6.97 -3.43 -12.17
CA ILE A 146 -5.85 -2.63 -12.68
C ILE A 146 -6.16 -1.20 -13.08
N GLU A 147 -7.20 -0.98 -13.86
CA GLU A 147 -7.52 0.38 -14.29
C GLU A 147 -7.88 1.30 -13.13
N PRO A 148 -8.70 0.84 -12.19
CA PRO A 148 -9.04 1.71 -11.06
C PRO A 148 -7.78 1.96 -10.23
N LEU A 149 -6.89 0.97 -10.20
CA LEU A 149 -5.65 1.08 -9.45
C LEU A 149 -4.79 2.19 -10.03
N ILE A 150 -4.69 2.23 -11.36
CA ILE A 150 -3.89 3.26 -12.04
C ILE A 150 -4.49 4.63 -11.79
N LYS A 151 -5.81 4.71 -11.87
CA LYS A 151 -6.52 5.97 -11.63
C LYS A 151 -6.19 6.46 -10.22
N PHE A 152 -6.21 5.52 -9.27
CA PHE A 152 -5.90 5.83 -7.87
C PHE A 152 -4.47 6.38 -7.75
N GLN A 153 -3.53 5.72 -8.41
CA GLN A 153 -2.13 6.16 -8.38
C GLN A 153 -1.98 7.59 -8.89
N VAL A 154 -2.63 7.89 -10.01
CA VAL A 154 -2.55 9.23 -10.59
C VAL A 154 -3.22 10.24 -9.65
N GLY A 155 -4.35 9.87 -9.07
CA GLY A 155 -5.04 10.77 -8.15
C GLY A 155 -4.16 11.09 -6.96
N LEU A 156 -3.44 10.08 -6.47
CA LEU A 156 -2.56 10.25 -5.31
C LEU A 156 -1.35 11.11 -5.70
N LYS A 157 -0.78 10.88 -6.87
CA LYS A 157 0.36 11.66 -7.33
C LYS A 157 0.01 13.14 -7.36
N LYS A 158 -1.18 13.45 -7.88
CA LYS A 158 -1.64 14.82 -8.00
C LYS A 158 -1.84 15.57 -6.69
N LEU A 159 -1.92 14.85 -5.57
CA LEU A 159 -2.07 15.53 -4.28
C LEU A 159 -0.73 16.14 -3.91
N ASN A 160 0.34 15.66 -4.53
CA ASN A 160 1.68 16.16 -4.25
C ASN A 160 1.95 16.18 -2.75
N LEU A 161 1.74 15.04 -2.11
CA LEU A 161 1.94 14.94 -0.67
C LEU A 161 3.39 15.12 -0.24
N HIS A 162 3.59 15.73 0.92
CA HIS A 162 4.94 15.88 1.46
C HIS A 162 5.20 14.48 2.01
N GLU A 163 6.45 14.09 2.17
CA GLU A 163 6.71 12.75 2.70
C GLU A 163 6.06 12.59 4.07
N GLU A 164 6.03 13.69 4.83
CA GLU A 164 5.41 13.68 6.16
C GLU A 164 3.94 13.24 6.06
N GLU A 165 3.25 13.74 5.05
CA GLU A 165 1.84 13.41 4.84
C GLU A 165 1.68 11.99 4.33
N HIS A 166 2.63 11.56 3.50
CA HIS A 166 2.63 10.21 2.94
C HIS A 166 2.73 9.15 4.04
N VAL A 167 3.71 9.29 4.92
CA VAL A 167 3.90 8.31 5.99
C VAL A 167 2.75 8.35 7.01
N LEU A 168 2.19 9.53 7.24
CA LEU A 168 1.07 9.62 8.17
C LEU A 168 -0.16 8.92 7.59
N LEU A 169 -0.36 9.04 6.28
CA LEU A 169 -1.50 8.40 5.63
C LEU A 169 -1.40 6.88 5.73
N MET A 170 -0.19 6.34 5.53
CA MET A 170 0.00 4.89 5.63
C MET A 170 -0.27 4.42 7.07
N ALA A 171 0.18 5.19 8.05
CA ALA A 171 -0.02 4.83 9.46
C ALA A 171 -1.52 4.84 9.79
N ILE A 172 -2.21 5.87 9.33
CA ILE A 172 -3.64 5.99 9.58
C ILE A 172 -4.41 4.84 8.92
N CYS A 173 -3.95 4.44 7.74
CA CYS A 173 -4.57 3.35 7.00
C CYS A 173 -4.47 2.04 7.80
N ILE A 174 -3.30 1.78 8.36
CA ILE A 174 -3.06 0.56 9.13
C ILE A 174 -3.83 0.52 10.46
N VAL A 175 -3.82 1.63 11.19
CA VAL A 175 -4.50 1.68 12.48
C VAL A 175 -5.95 2.18 12.34
N SER A 176 -6.78 1.38 11.69
CA SER A 176 -8.19 1.72 11.47
C SER A 176 -9.07 0.90 12.40
N PRO A 177 -9.90 1.56 13.21
CA PRO A 177 -10.77 0.82 14.13
C PRO A 177 -11.88 0.05 13.42
N ASP A 178 -12.19 0.45 12.18
CA ASP A 178 -13.24 -0.23 11.42
C ASP A 178 -12.72 -1.33 10.52
N ARG A 179 -12.10 -2.34 11.13
CA ARG A 179 -11.60 -3.50 10.40
C ARG A 179 -12.30 -4.68 11.06
N PRO A 180 -12.82 -5.62 10.25
CA PRO A 180 -13.51 -6.78 10.82
C PRO A 180 -12.62 -7.62 11.74
N GLY A 181 -13.13 -7.96 12.91
CA GLY A 181 -12.37 -8.78 13.84
C GLY A 181 -11.57 -8.08 14.91
N VAL A 182 -11.51 -6.76 14.88
CA VAL A 182 -10.74 -6.02 15.89
C VAL A 182 -11.44 -6.16 17.25
N GLN A 183 -10.65 -6.30 18.31
CA GLN A 183 -11.23 -6.44 19.64
C GLN A 183 -11.32 -5.12 20.39
N ASP A 184 -10.22 -4.39 20.47
CA ASP A 184 -10.23 -3.11 21.18
C ASP A 184 -10.28 -1.93 20.23
N ALA A 185 -11.44 -1.73 19.61
CA ALA A 185 -11.64 -0.65 18.67
C ALA A 185 -11.38 0.72 19.29
N ALA A 186 -11.73 0.88 20.57
CA ALA A 186 -11.54 2.14 21.26
C ALA A 186 -10.06 2.54 21.29
N LEU A 187 -9.19 1.58 21.63
CA LEU A 187 -7.75 1.86 21.69
C LEU A 187 -7.23 2.20 20.30
N ILE A 188 -7.60 1.38 19.32
CA ILE A 188 -7.17 1.59 17.94
C ILE A 188 -7.60 2.98 17.45
N GLU A 189 -8.83 3.38 17.78
CA GLU A 189 -9.32 4.69 17.36
C GLU A 189 -8.58 5.82 18.07
N ALA A 190 -8.21 5.60 19.33
CA ALA A 190 -7.47 6.60 20.08
C ALA A 190 -6.12 6.81 19.41
N ILE A 191 -5.49 5.71 19.01
CA ILE A 191 -4.19 5.77 18.34
C ILE A 191 -4.34 6.45 16.98
N GLN A 192 -5.39 6.09 16.25
CA GLN A 192 -5.61 6.68 14.94
C GLN A 192 -5.88 8.18 15.04
N ASP A 193 -6.68 8.58 16.03
CA ASP A 193 -7.00 10.01 16.19
C ASP A 193 -5.74 10.81 16.45
N ARG A 194 -4.82 10.26 17.24
CA ARG A 194 -3.57 10.94 17.55
C ARG A 194 -2.81 11.17 16.24
N LEU A 195 -2.86 10.18 15.35
CA LEU A 195 -2.20 10.28 14.05
C LEU A 195 -2.95 11.24 13.14
N SER A 196 -4.28 11.13 13.10
CA SER A 196 -5.09 12.01 12.25
C SER A 196 -4.94 13.47 12.66
N ASN A 197 -4.88 13.72 13.96
CA ASN A 197 -4.73 15.10 14.43
C ASN A 197 -3.36 15.63 14.04
N THR A 198 -2.35 14.77 14.07
CA THR A 198 -1.01 15.19 13.69
C THR A 198 -1.03 15.60 12.22
N LEU A 199 -1.67 14.79 11.38
CA LEU A 199 -1.77 15.06 9.95
C LEU A 199 -2.55 16.35 9.68
N GLN A 200 -3.69 16.50 10.33
CA GLN A 200 -4.52 17.69 10.15
C GLN A 200 -3.74 18.95 10.55
N THR A 201 -3.01 18.86 11.66
CA THR A 201 -2.22 19.98 12.16
C THR A 201 -1.05 20.30 11.22
N TYR A 202 -0.37 19.25 10.76
CA TYR A 202 0.76 19.44 9.85
C TYR A 202 0.33 20.12 8.56
N ILE A 203 -0.78 19.67 7.99
CA ILE A 203 -1.29 20.25 6.75
C ILE A 203 -1.58 21.74 6.92
N ARG A 204 -2.20 22.09 8.05
CA ARG A 204 -2.56 23.47 8.35
C ARG A 204 -1.41 24.44 8.55
N CYS A 205 -0.29 23.99 9.12
CA CYS A 205 0.81 24.92 9.32
C CYS A 205 2.08 24.64 8.54
N ARG A 206 2.07 23.63 7.67
CA ARG A 206 3.27 23.33 6.89
C ARG A 206 3.01 23.15 5.40
N HIS A 207 1.75 22.96 5.01
CA HIS A 207 1.44 22.76 3.60
C HIS A 207 0.94 24.05 2.95
N PRO A 208 1.75 24.67 2.09
CA PRO A 208 1.41 25.92 1.41
C PRO A 208 0.27 25.80 0.40
N PRO A 209 -0.45 26.90 0.16
CA PRO A 209 -1.57 26.92 -0.79
C PRO A 209 -1.07 27.01 -2.24
N PRO A 210 -1.92 26.59 -3.20
CA PRO A 210 -3.27 26.07 -2.97
C PRO A 210 -3.23 24.63 -2.46
N GLY A 211 -3.96 24.37 -1.39
CA GLY A 211 -3.99 23.03 -0.83
C GLY A 211 -3.80 23.01 0.67
N SER A 212 -3.51 24.18 1.25
CA SER A 212 -3.32 24.29 2.69
C SER A 212 -4.50 23.64 3.40
N HIS A 213 -5.65 23.69 2.74
CA HIS A 213 -6.87 23.11 3.28
C HIS A 213 -7.43 22.20 2.20
N LEU A 214 -8.55 21.53 2.48
CA LEU A 214 -9.18 20.64 1.53
C LEU A 214 -8.34 19.37 1.31
N LEU A 215 -7.04 19.48 1.53
CA LEU A 215 -6.14 18.33 1.34
C LEU A 215 -6.49 17.17 2.27
N TYR A 216 -6.80 17.47 3.53
CA TYR A 216 -7.13 16.41 4.47
C TYR A 216 -8.30 15.57 3.98
N ALA A 217 -9.35 16.24 3.52
CA ALA A 217 -10.54 15.56 3.02
C ALA A 217 -10.20 14.67 1.82
N LYS A 218 -9.34 15.17 0.94
CA LYS A 218 -8.94 14.41 -0.24
C LYS A 218 -8.14 13.17 0.18
N MET A 219 -7.34 13.30 1.23
CA MET A 219 -6.55 12.19 1.72
C MET A 219 -7.43 11.12 2.36
N ILE A 220 -8.45 11.54 3.10
CA ILE A 220 -9.36 10.62 3.74
C ILE A 220 -10.16 9.89 2.65
N GLN A 221 -10.47 10.60 1.58
CA GLN A 221 -11.21 10.00 0.48
C GLN A 221 -10.36 8.88 -0.15
N LYS A 222 -9.04 9.07 -0.18
CA LYS A 222 -8.17 8.04 -0.75
C LYS A 222 -8.28 6.76 0.07
N LEU A 223 -8.43 6.91 1.38
CA LEU A 223 -8.57 5.75 2.25
C LEU A 223 -9.84 4.97 1.90
N ALA A 224 -10.89 5.69 1.55
CA ALA A 224 -12.14 5.06 1.17
C ALA A 224 -11.90 4.31 -0.15
N ASP A 225 -11.21 4.96 -1.07
CA ASP A 225 -10.89 4.37 -2.36
C ASP A 225 -10.14 3.05 -2.19
N LEU A 226 -9.21 3.02 -1.23
CA LEU A 226 -8.43 1.80 -0.97
C LEU A 226 -9.31 0.64 -0.54
N ARG A 227 -10.35 0.92 0.24
CA ARG A 227 -11.26 -0.13 0.71
C ARG A 227 -11.89 -0.83 -0.49
N SER A 228 -12.25 -0.04 -1.51
CA SER A 228 -12.85 -0.60 -2.72
C SER A 228 -11.84 -1.47 -3.47
N LEU A 229 -10.63 -0.94 -3.64
CA LEU A 229 -9.57 -1.66 -4.32
C LEU A 229 -9.25 -2.95 -3.57
N ASN A 230 -9.29 -2.88 -2.23
CA ASN A 230 -9.01 -4.04 -1.39
C ASN A 230 -10.02 -5.14 -1.68
N GLU A 231 -11.30 -4.78 -1.71
CA GLU A 231 -12.35 -5.75 -1.98
C GLU A 231 -12.23 -6.36 -3.37
N GLU A 232 -11.95 -5.54 -4.37
CA GLU A 232 -11.79 -6.05 -5.73
C GLU A 232 -10.57 -6.97 -5.81
N HIS A 233 -9.48 -6.61 -5.15
CA HIS A 233 -8.30 -7.48 -5.18
C HIS A 233 -8.62 -8.81 -4.52
N SER A 234 -9.32 -8.78 -3.40
CA SER A 234 -9.68 -10.00 -2.68
C SER A 234 -10.50 -10.93 -3.58
N LYS A 235 -11.47 -10.36 -4.29
CA LYS A 235 -12.31 -11.16 -5.19
C LYS A 235 -11.46 -11.82 -6.28
N GLN A 236 -10.54 -11.05 -6.83
CA GLN A 236 -9.68 -11.58 -7.90
C GLN A 236 -8.65 -12.59 -7.39
N TYR A 237 -8.10 -12.36 -6.20
CA TYR A 237 -7.14 -13.30 -5.64
C TYR A 237 -7.84 -14.65 -5.49
N ARG A 238 -9.10 -14.60 -5.06
CA ARG A 238 -9.89 -15.81 -4.88
C ARG A 238 -9.91 -16.61 -6.18
N CYS A 239 -10.24 -15.95 -7.29
CA CYS A 239 -10.28 -16.58 -8.60
C CYS A 239 -8.92 -17.17 -8.98
N LEU A 240 -7.88 -16.38 -8.76
CA LEU A 240 -6.52 -16.79 -9.06
C LEU A 240 -6.14 -18.06 -8.30
N SER A 241 -6.56 -18.15 -7.04
CA SER A 241 -6.24 -19.31 -6.22
C SER A 241 -6.88 -20.62 -6.72
N PHE A 242 -7.85 -20.51 -7.61
CA PHE A 242 -8.51 -21.71 -8.16
C PHE A 242 -7.67 -22.34 -9.26
N GLN A 243 -6.64 -21.62 -9.73
CA GLN A 243 -5.79 -22.16 -10.77
C GLN A 243 -4.87 -23.23 -10.19
N PRO A 244 -4.92 -24.45 -10.74
CA PRO A 244 -4.06 -25.53 -10.24
C PRO A 244 -2.58 -25.15 -10.21
N GLU A 245 -1.91 -25.51 -9.13
CA GLU A 245 -0.48 -25.23 -8.96
C GLU A 245 -0.16 -23.77 -8.67
N CYS A 246 -1.19 -22.98 -8.39
CA CYS A 246 -1.00 -21.56 -8.12
C CYS A 246 -0.22 -21.29 -6.82
N SER A 247 -0.47 -22.09 -5.80
CA SER A 247 0.19 -21.90 -4.51
C SER A 247 1.71 -21.85 -4.60
N MET A 248 2.29 -22.66 -5.48
CA MET A 248 3.74 -22.68 -5.65
C MET A 248 4.27 -21.38 -6.24
N LYS A 249 3.41 -20.64 -6.94
CA LYS A 249 3.80 -19.38 -7.55
C LYS A 249 3.66 -18.21 -6.57
N LEU A 250 3.09 -18.49 -5.41
CA LEU A 250 2.90 -17.47 -4.38
C LEU A 250 3.93 -17.71 -3.28
N THR A 251 3.64 -17.25 -2.07
CA THR A 251 4.54 -17.46 -0.94
C THR A 251 3.68 -17.74 0.28
N PRO A 252 4.25 -18.37 1.32
CA PRO A 252 3.49 -18.67 2.54
C PRO A 252 2.81 -17.44 3.14
N LEU A 253 3.53 -16.32 3.18
CA LEU A 253 2.99 -15.08 3.74
C LEU A 253 1.81 -14.58 2.91
N VAL A 254 1.96 -14.61 1.59
CA VAL A 254 0.90 -14.16 0.69
C VAL A 254 -0.33 -15.05 0.82
N LEU A 255 -0.10 -16.36 0.89
CA LEU A 255 -1.20 -17.31 1.04
C LEU A 255 -1.99 -17.03 2.31
N GLU A 256 -1.29 -16.75 3.41
CA GLU A 256 -1.96 -16.47 4.67
C GLU A 256 -2.72 -15.15 4.66
N VAL A 257 -2.04 -14.08 4.26
CA VAL A 257 -2.66 -12.75 4.25
C VAL A 257 -3.91 -12.68 3.39
N PHE A 258 -3.89 -13.28 2.22
CA PHE A 258 -5.04 -13.23 1.31
C PHE A 258 -5.88 -14.51 1.26
N GLY A 259 -5.42 -15.54 1.95
CA GLY A 259 -6.15 -16.79 1.98
C GLY A 259 -7.53 -16.67 2.58
#